data_7XUZ
#
_entry.id   7XUZ
#
_cell.length_a   93.210
_cell.length_b   93.210
_cell.length_c   224.920
_cell.angle_alpha   90.000
_cell.angle_beta   90.000
_cell.angle_gamma   120.000
#
_symmetry.space_group_name_H-M   'P 65'
#
loop_
_entity.id
_entity.type
_entity.pdbx_description
1 polymer 'Histone deacetylase 4'
2 polymer 'myocyte-specific enhancer factor 2A isoform X4'
3 polymer "DNA (5'-D(P*AP*CP*TP*AP*TP*TP*TP*AP*TP*AP*A)-3')"
4 polymer "DNA (5'-D(*TP*CP*TP*TP*AP*TP*AP*AP*AP*TP*AP*GP*T)-3')"
#
loop_
_entity_poly.entity_id
_entity_poly.type
_entity_poly.pdbx_seq_one_letter_code
_entity_poly.pdbx_strand_id
1 'polypeptide(L)'
;GPAEPALREQQLQQELLALKQKQQIQRQILIAEFQRQHEQLSRQHEAQLHEHIKQQQEMLAMKHQQELLEHQRKLERHRQ
EQELEKQHREQKLQQLKNKEKGKESAVASTEVKMKLQEFVLNKKKALAHRNLN
;
B,A
2 'polypeptide(L)'
;GPMGRKKIQITRIMDERNRQVTFTKRKFGLMKKAYELSVLCDCEIALIIFNSSNKLFQYASTDMDKVLLKYTEYNEPHES
RTNSDIVEALNKKEHRG
;
C,D,G,H
3 'polydeoxyribonucleotide' (DA)(DA)(DA)(DC)(DT)(DA)(DT)(DT)(DT)(DA)(DT)(DA)(DA)(DG)(DA) E,I
4 'polydeoxyribonucleotide' (DT)(DC)(DT)(DT)(DA)(DT)(DA)(DA)(DA)(DT)(DA)(DG)(DT)(DT)(DT) F,J
#
loop_
_chem_comp.id
_chem_comp.type
_chem_comp.name
_chem_comp.formula
DA DNA linking 2'-DEOXYADENOSINE-5'-MONOPHOSPHATE 'C10 H14 N5 O6 P'
DC DNA linking 2'-DEOXYCYTIDINE-5'-MONOPHOSPHATE 'C9 H14 N3 O7 P'
DG DNA linking 2'-DEOXYGUANOSINE-5'-MONOPHOSPHATE 'C10 H14 N5 O7 P'
DT DNA linking THYMIDINE-5'-MONOPHOSPHATE 'C10 H15 N2 O8 P'
#
# COMPACT_ATOMS: atom_id res chain seq x y z
N PRO A 5 -37.75 -24.17 -12.05
CA PRO A 5 -37.24 -24.41 -10.69
C PRO A 5 -36.94 -23.12 -9.94
N ALA A 6 -37.50 -22.01 -10.41
CA ALA A 6 -37.31 -20.71 -9.79
C ALA A 6 -38.56 -20.37 -8.99
N LEU A 7 -38.44 -20.33 -7.67
CA LEU A 7 -39.55 -20.02 -6.79
C LEU A 7 -39.55 -18.53 -6.45
N ARG A 8 -38.55 -18.11 -5.68
CA ARG A 8 -38.41 -16.72 -5.27
C ARG A 8 -36.98 -16.24 -5.43
N GLU A 9 -36.09 -17.11 -5.90
CA GLU A 9 -34.69 -16.74 -6.10
C GLU A 9 -34.55 -15.57 -7.06
N GLN A 10 -35.33 -15.55 -8.13
CA GLN A 10 -35.22 -14.49 -9.13
C GLN A 10 -35.62 -13.12 -8.59
N GLN A 11 -36.16 -13.05 -7.38
CA GLN A 11 -36.43 -11.78 -6.71
C GLN A 11 -35.46 -11.51 -5.57
N LEU A 12 -35.13 -12.53 -4.77
CA LEU A 12 -34.20 -12.35 -3.66
C LEU A 12 -32.76 -12.23 -4.15
N GLN A 13 -32.42 -12.90 -5.25
CA GLN A 13 -31.11 -12.73 -5.84
C GLN A 13 -30.96 -11.38 -6.52
N GLN A 14 -32.04 -10.87 -7.11
CA GLN A 14 -32.05 -9.49 -7.62
C GLN A 14 -32.08 -8.47 -6.48
N GLU A 15 -32.30 -8.91 -5.25
CA GLU A 15 -32.21 -8.04 -4.09
C GLU A 15 -30.82 -8.04 -3.47
N LEU A 16 -30.05 -9.11 -3.66
CA LEU A 16 -28.73 -9.21 -3.05
C LEU A 16 -27.79 -8.13 -3.59
N LEU A 17 -27.69 -8.03 -4.91
CA LEU A 17 -26.79 -7.02 -5.50
C LEU A 17 -27.25 -5.60 -5.17
N ALA A 18 -28.55 -5.40 -4.97
CA ALA A 18 -29.02 -4.09 -4.53
C ALA A 18 -28.66 -3.82 -3.08
N LEU A 19 -28.35 -4.86 -2.29
CA LEU A 19 -27.95 -4.67 -0.91
C LEU A 19 -26.48 -4.25 -0.82
N LYS A 20 -25.59 -5.01 -1.48
CA LYS A 20 -24.17 -4.69 -1.44
C LYS A 20 -23.80 -3.45 -2.24
N GLN A 21 -24.73 -2.91 -3.03
CA GLN A 21 -24.51 -1.58 -3.59
C GLN A 21 -24.63 -0.51 -2.51
N LYS A 22 -25.63 -0.65 -1.63
CA LYS A 22 -25.74 0.25 -0.50
C LYS A 22 -24.56 0.10 0.46
N GLN A 23 -24.11 -1.14 0.67
CA GLN A 23 -22.97 -1.36 1.56
C GLN A 23 -21.71 -0.73 1.00
N GLN A 24 -21.49 -0.86 -0.32
CA GLN A 24 -20.23 -0.38 -0.91
C GLN A 24 -20.17 1.14 -0.90
N ILE A 25 -21.30 1.81 -1.14
CA ILE A 25 -21.29 3.26 -1.08
C ILE A 25 -21.30 3.75 0.36
N GLN A 26 -21.80 2.94 1.31
CA GLN A 26 -21.61 3.26 2.72
C GLN A 26 -20.13 3.23 3.07
N ARG A 27 -19.38 2.30 2.48
CA ARG A 27 -17.94 2.26 2.70
C ARG A 27 -17.27 3.49 2.15
N GLN A 28 -17.69 3.95 0.96
CA GLN A 28 -17.14 5.17 0.39
C GLN A 28 -17.56 6.40 1.20
N ILE A 29 -18.75 6.37 1.79
CA ILE A 29 -19.17 7.44 2.69
C ILE A 29 -18.22 7.53 3.86
N LEU A 30 -17.84 6.38 4.42
CA LEU A 30 -16.94 6.37 5.57
C LEU A 30 -15.56 6.89 5.20
N ILE A 31 -14.99 6.37 4.11
CA ILE A 31 -13.64 6.77 3.71
C ILE A 31 -13.60 8.21 3.26
N ALA A 32 -14.72 8.77 2.82
CA ALA A 32 -14.73 10.17 2.41
C ALA A 32 -14.81 11.11 3.60
N GLU A 33 -15.65 10.80 4.59
CA GLU A 33 -15.63 11.55 5.83
C GLU A 33 -14.31 11.38 6.55
N PHE A 34 -13.59 10.29 6.29
CA PHE A 34 -12.26 10.13 6.86
C PHE A 34 -11.26 11.07 6.19
N GLN A 35 -11.38 11.23 4.86
CA GLN A 35 -10.46 12.10 4.14
C GLN A 35 -10.66 13.55 4.54
N ARG A 36 -11.90 13.96 4.78
CA ARG A 36 -12.17 15.36 5.08
C ARG A 36 -11.84 15.71 6.52
N GLN A 37 -11.97 14.75 7.45
CA GLN A 37 -11.54 15.01 8.82
C GLN A 37 -10.02 14.98 8.94
N HIS A 38 -9.34 14.23 8.07
CA HIS A 38 -7.89 14.25 8.05
C HIS A 38 -7.37 15.58 7.53
N GLU A 39 -7.96 16.05 6.42
CA GLU A 39 -7.52 17.32 5.84
C GLU A 39 -7.94 18.50 6.70
N GLN A 40 -9.09 18.41 7.36
CA GLN A 40 -9.52 19.49 8.24
C GLN A 40 -8.61 19.59 9.46
N LEU A 41 -8.06 18.47 9.92
CA LEU A 41 -7.11 18.50 11.03
C LEU A 41 -5.76 19.06 10.58
N SER A 42 -5.33 18.70 9.36
CA SER A 42 -4.04 19.18 8.87
C SER A 42 -4.08 20.69 8.63
N ARG A 43 -5.21 21.22 8.18
CA ARG A 43 -5.36 22.67 8.09
C ARG A 43 -5.40 23.30 9.47
N GLN A 44 -5.97 22.60 10.45
CA GLN A 44 -5.98 23.10 11.82
C GLN A 44 -4.58 23.12 12.41
N HIS A 45 -3.81 22.06 12.18
CA HIS A 45 -2.42 22.03 12.67
C HIS A 45 -1.57 23.06 11.93
N GLU A 46 -1.83 23.27 10.64
CA GLU A 46 -1.01 24.18 9.86
C GLU A 46 -1.15 25.61 10.36
N ALA A 47 -2.35 26.00 10.79
CA ALA A 47 -2.57 27.35 11.30
C ALA A 47 -1.96 27.51 12.69
N GLN A 48 -2.00 26.46 13.51
CA GLN A 48 -1.37 26.54 14.84
C GLN A 48 0.14 26.64 14.72
N LEU A 49 0.74 25.88 13.80
CA LEU A 49 2.18 25.95 13.59
C LEU A 49 2.61 27.31 13.06
N HIS A 50 1.81 27.88 12.14
CA HIS A 50 2.14 29.20 11.60
C HIS A 50 2.04 30.28 12.66
N GLU A 51 1.08 30.16 13.59
CA GLU A 51 0.92 31.19 14.61
C GLU A 51 2.08 31.19 15.59
N HIS A 52 2.56 30.00 15.97
CA HIS A 52 3.68 29.93 16.91
C HIS A 52 5.00 30.31 16.24
N ILE A 53 5.15 30.01 14.95
CA ILE A 53 6.36 30.43 14.24
C ILE A 53 6.33 31.93 13.99
N LYS A 54 5.14 32.49 13.75
CA LYS A 54 5.01 33.94 13.72
C LYS A 54 5.41 34.55 15.06
N GLN A 55 5.14 33.84 16.15
CA GLN A 55 5.53 34.31 17.48
C GLN A 55 7.05 34.27 17.64
N GLN A 56 7.66 33.14 17.27
CA GLN A 56 9.11 32.99 17.45
C GLN A 56 9.89 33.96 16.58
N GLN A 57 9.40 34.23 15.37
CA GLN A 57 10.14 35.10 14.46
C GLN A 57 10.02 36.56 14.88
N GLU A 58 8.84 36.98 15.34
CA GLU A 58 8.66 38.37 15.74
C GLU A 58 9.36 38.68 17.06
N MET A 59 9.89 37.68 17.75
CA MET A 59 10.76 37.90 18.89
C MET A 59 12.23 38.01 18.44
N LEU A 60 12.64 37.16 17.51
CA LEU A 60 14.02 37.21 17.02
C LEU A 60 14.29 38.52 16.28
N ALA A 61 13.36 38.94 15.42
CA ALA A 61 13.59 40.09 14.58
C ALA A 61 13.76 41.36 15.39
N MET A 62 12.99 41.51 16.48
CA MET A 62 13.08 42.71 17.30
C MET A 62 14.20 42.63 18.33
N LYS A 63 14.68 41.44 18.67
CA LYS A 63 15.88 41.34 19.48
C LYS A 63 17.12 41.68 18.66
N HIS A 64 17.11 41.31 17.37
CA HIS A 64 18.28 41.54 16.54
C HIS A 64 18.38 42.98 16.07
N GLN A 65 17.25 43.69 15.92
CA GLN A 65 17.33 45.07 15.50
C GLN A 65 17.74 45.98 16.65
N GLN A 66 17.29 45.68 17.87
CA GLN A 66 17.71 46.46 19.03
C GLN A 66 19.18 46.19 19.35
N GLU A 67 19.68 44.99 19.03
CA GLU A 67 21.11 44.74 19.09
C GLU A 67 21.84 45.49 17.98
N LEU A 68 21.21 45.64 16.82
CA LEU A 68 21.85 46.35 15.72
C LEU A 68 22.03 47.83 16.05
N LEU A 69 20.98 48.47 16.59
CA LEU A 69 21.09 49.86 16.99
C LEU A 69 21.96 50.05 18.22
N GLU A 70 22.25 48.98 18.96
CA GLU A 70 23.27 49.05 20.00
C GLU A 70 24.66 49.19 19.38
N HIS A 71 24.94 48.40 18.34
CA HIS A 71 26.18 48.56 17.59
C HIS A 71 26.24 49.94 16.94
N GLN A 72 25.11 50.43 16.43
CA GLN A 72 25.08 51.74 15.78
C GLN A 72 25.39 52.85 16.78
N ARG A 73 24.84 52.75 18.00
CA ARG A 73 25.14 53.74 19.03
C ARG A 73 26.57 53.60 19.53
N LYS A 74 27.14 52.40 19.44
CA LYS A 74 28.54 52.23 19.83
C LYS A 74 29.48 52.88 18.82
N LEU A 75 29.10 52.91 17.55
CA LEU A 75 29.87 53.65 16.56
C LEU A 75 29.78 55.15 16.80
N GLU A 76 28.59 55.63 17.16
CA GLU A 76 28.44 57.05 17.48
C GLU A 76 29.25 57.42 18.71
N ARG A 77 29.25 56.56 19.73
CA ARG A 77 30.05 56.82 20.92
C ARG A 77 31.54 56.84 20.62
N HIS A 78 31.97 56.11 19.58
CA HIS A 78 33.38 56.11 19.20
C HIS A 78 33.72 57.32 18.33
N ARG A 79 32.91 57.56 17.30
CA ARG A 79 33.18 58.69 16.41
C ARG A 79 33.06 60.02 17.16
N GLN A 80 32.10 60.11 18.09
CA GLN A 80 32.01 61.29 18.94
C GLN A 80 33.21 61.40 19.87
N GLU A 81 33.70 60.27 20.36
CA GLU A 81 34.88 60.28 21.21
C GLU A 81 36.11 60.77 20.45
N GLN A 82 36.28 60.30 19.21
CA GLN A 82 37.46 60.66 18.42
C GLN A 82 37.36 62.06 17.85
N GLU A 83 36.15 62.51 17.49
CA GLU A 83 36.00 63.89 17.03
C GLU A 83 36.24 64.88 18.17
N LEU A 84 35.75 64.55 19.37
CA LEU A 84 36.01 65.40 20.53
C LEU A 84 37.47 65.36 20.97
N GLU A 85 38.18 64.28 20.65
CA GLU A 85 39.60 64.21 20.99
C GLU A 85 40.46 64.95 19.96
N LYS A 86 40.11 64.84 18.68
CA LYS A 86 40.84 65.52 17.62
C LYS A 86 40.61 67.03 17.63
N GLN A 87 39.59 67.52 18.33
CA GLN A 87 39.45 68.93 18.63
C GLN A 87 39.91 69.28 20.03
N HIS A 88 40.06 68.28 20.91
CA HIS A 88 40.61 68.53 22.25
C HIS A 88 42.08 68.92 22.16
N ARG A 89 42.84 68.27 21.26
CA ARG A 89 44.23 68.65 21.08
C ARG A 89 44.36 69.99 20.36
N GLU A 90 43.34 70.37 19.58
CA GLU A 90 43.34 71.66 18.91
C GLU A 90 42.92 72.80 19.84
N GLN A 91 42.19 72.48 20.92
CA GLN A 91 41.95 73.49 21.96
C GLN A 91 43.23 73.86 22.67
N LYS A 92 44.16 72.93 22.80
CA LYS A 92 45.44 73.21 23.43
C LYS A 92 46.30 74.16 22.60
N LEU A 93 46.01 74.29 21.30
CA LEU A 93 46.76 75.24 20.48
C LEU A 93 46.37 76.68 20.79
N GLN A 94 45.18 76.92 21.33
CA GLN A 94 44.75 78.27 21.63
C GLN A 94 45.35 78.80 22.93
N GLN A 95 45.56 77.94 23.92
CA GLN A 95 46.19 78.40 25.15
C GLN A 95 47.67 78.74 24.95
N LEU A 96 48.27 78.28 23.85
CA LEU A 96 49.63 78.67 23.50
C LEU A 96 49.67 79.76 22.42
N LYS A 97 48.66 79.81 21.55
CA LYS A 97 48.66 80.72 20.42
C LYS A 97 48.50 82.17 20.83
N ASN A 98 47.26 82.57 21.11
CA ASN A 98 46.91 83.98 21.26
C ASN A 98 47.58 84.62 22.47
N LYS A 99 47.09 84.34 23.67
CA LYS A 99 47.55 85.07 24.84
C LYS A 99 47.73 84.16 26.05
N GLU A 100 48.80 84.41 26.79
CA GLU A 100 48.97 83.98 28.17
C GLU A 100 49.06 85.20 29.08
N LYS A 101 48.41 86.30 28.66
CA LYS A 101 48.61 87.64 29.23
C LYS A 101 50.06 88.11 29.08
N GLY A 102 50.79 87.55 28.14
CA GLY A 102 52.16 87.97 27.90
C GLY A 102 53.10 87.75 29.08
N LYS A 103 52.87 86.70 29.85
CA LYS A 103 53.71 86.39 31.00
C LYS A 103 55.13 86.04 30.55
N GLU A 104 55.30 84.87 29.96
CA GLU A 104 56.56 84.47 29.34
C GLU A 104 56.26 83.56 28.15
N SER A 105 55.39 84.04 27.25
CA SER A 105 54.83 83.16 26.23
C SER A 105 55.86 82.80 25.16
N ALA A 106 56.55 83.79 24.61
CA ALA A 106 57.43 83.59 23.46
C ALA A 106 58.79 83.12 23.96
N VAL A 107 58.94 81.81 24.15
CA VAL A 107 60.21 81.24 24.60
C VAL A 107 60.62 80.09 23.69
N ALA A 108 59.97 78.95 23.84
CA ALA A 108 60.32 77.76 23.08
C ALA A 108 59.04 77.03 22.70
N SER A 109 59.20 75.80 22.23
CA SER A 109 58.07 75.00 21.76
C SER A 109 58.10 73.63 22.43
N THR A 110 56.91 73.06 22.59
CA THR A 110 56.73 71.72 23.13
C THR A 110 55.66 70.89 22.41
N GLU A 111 54.60 71.50 21.90
CA GLU A 111 53.60 70.78 21.13
C GLU A 111 53.31 71.41 19.77
N VAL A 112 53.71 72.66 19.55
CA VAL A 112 53.59 73.27 18.23
C VAL A 112 54.53 72.59 17.23
N LYS A 113 55.54 71.86 17.71
CA LYS A 113 56.43 71.13 16.81
C LYS A 113 55.67 70.07 16.03
N MET A 114 54.66 69.46 16.65
CA MET A 114 53.87 68.46 15.95
C MET A 114 53.01 69.10 14.85
N LYS A 115 52.41 70.26 15.14
CA LYS A 115 51.62 70.96 14.14
C LYS A 115 52.52 71.49 13.01
N LEU A 116 53.72 71.95 13.35
CA LEU A 116 54.64 72.42 12.32
C LEU A 116 55.13 71.27 11.44
N GLN A 117 55.40 70.11 12.06
CA GLN A 117 55.85 68.96 11.30
C GLN A 117 54.77 68.47 10.35
N GLU A 118 53.52 68.43 10.81
CA GLU A 118 52.42 68.01 9.94
C GLU A 118 52.18 69.01 8.83
N PHE A 119 52.43 70.30 9.08
CA PHE A 119 52.27 71.30 8.03
C PHE A 119 53.40 71.21 7.01
N VAL A 120 54.60 70.82 7.45
CA VAL A 120 55.73 70.73 6.53
C VAL A 120 55.63 69.49 5.65
N LEU A 121 55.26 68.34 6.24
CA LEU A 121 55.16 67.11 5.46
C LEU A 121 54.00 67.11 4.49
N ASN A 122 53.10 68.09 4.55
CA ASN A 122 52.03 68.23 3.57
C ASN A 122 52.47 69.00 2.33
N LYS A 123 53.74 69.35 2.23
CA LYS A 123 54.30 69.97 1.02
C LYS A 123 54.41 68.89 -0.05
N LYS A 124 53.43 68.84 -0.94
CA LYS A 124 53.40 67.82 -1.98
C LYS A 124 53.18 68.44 -3.36
N LYS B 6 90.88 93.33 10.82
CA LYS B 6 91.17 92.70 9.53
C LYS B 6 89.91 92.37 8.74
N LYS B 7 90.08 92.17 7.44
CA LYS B 7 89.01 91.65 6.60
C LYS B 7 89.19 90.15 6.44
N ILE B 8 88.09 89.41 6.51
CA ILE B 8 88.09 87.99 6.25
C ILE B 8 87.17 87.71 5.07
N GLN B 9 87.54 86.71 4.27
CA GLN B 9 86.71 86.29 3.16
C GLN B 9 85.57 85.41 3.65
N ILE B 10 84.58 85.23 2.78
CA ILE B 10 83.38 84.46 3.13
C ILE B 10 83.74 82.99 2.88
N THR B 11 84.44 82.41 3.85
CA THR B 11 84.87 81.02 3.76
C THR B 11 84.84 80.42 5.17
N ARG B 12 84.73 79.09 5.21
CA ARG B 12 84.68 78.40 6.50
C ARG B 12 85.95 78.65 7.30
N ILE B 13 85.78 79.09 8.54
CA ILE B 13 86.91 79.31 9.44
C ILE B 13 87.44 77.93 9.86
N MET B 14 88.63 77.57 9.36
CA MET B 14 89.20 76.28 9.68
C MET B 14 89.66 76.19 11.14
N ASP B 15 89.91 77.33 11.78
CA ASP B 15 90.26 77.33 13.19
C ASP B 15 89.02 77.09 14.05
N GLU B 16 89.24 76.48 15.22
CA GLU B 16 88.13 76.18 16.11
C GLU B 16 87.77 77.37 16.99
N ARG B 17 88.78 78.02 17.58
CA ARG B 17 88.50 79.09 18.53
C ARG B 17 88.00 80.35 17.81
N ASN B 18 88.55 80.66 16.64
CA ASN B 18 88.10 81.82 15.89
C ASN B 18 86.68 81.60 15.39
N ARG B 19 86.38 80.41 14.88
CA ARG B 19 85.01 80.10 14.47
C ARG B 19 84.05 80.10 15.65
N GLN B 20 84.55 79.79 16.84
CA GLN B 20 83.69 79.73 18.02
C GLN B 20 83.27 81.13 18.47
N VAL B 21 84.23 82.00 18.74
CA VAL B 21 83.93 83.31 19.28
C VAL B 21 83.27 84.21 18.22
N THR B 22 83.66 84.06 16.96
CA THR B 22 82.98 84.79 15.89
C THR B 22 81.53 84.32 15.76
N PHE B 23 81.29 83.02 15.96
CA PHE B 23 79.92 82.52 15.99
C PHE B 23 79.13 83.20 17.09
N THR B 24 79.73 83.35 18.27
CA THR B 24 79.01 83.94 19.40
C THR B 24 78.68 85.41 19.14
N LYS B 25 79.67 86.18 18.69
CA LYS B 25 79.48 87.62 18.56
C LYS B 25 78.54 87.95 17.40
N ARG B 26 78.72 87.31 16.26
CA ARG B 26 77.82 87.56 15.13
C ARG B 26 76.42 86.99 15.39
N LYS B 27 76.30 86.00 16.27
CA LYS B 27 74.97 85.54 16.67
C LYS B 27 74.25 86.60 17.48
N PHE B 28 74.94 87.16 18.49
CA PHE B 28 74.32 88.20 19.31
C PHE B 28 74.06 89.47 18.50
N GLY B 29 74.93 89.78 17.55
CA GLY B 29 74.68 90.91 16.67
C GLY B 29 73.52 90.66 15.73
N LEU B 30 73.33 89.40 15.31
CA LEU B 30 72.20 89.05 14.48
C LEU B 30 70.89 89.17 15.24
N MET B 31 70.90 88.79 16.53
CA MET B 31 69.72 88.99 17.36
C MET B 31 69.43 90.46 17.58
N LYS B 32 70.47 91.30 17.60
CA LYS B 32 70.28 92.73 17.79
C LYS B 32 69.61 93.35 16.56
N LYS B 33 70.07 92.99 15.37
CA LYS B 33 69.42 93.47 14.15
C LYS B 33 67.97 93.01 14.07
N ALA B 34 67.70 91.78 14.54
CA ALA B 34 66.32 91.31 14.61
C ALA B 34 65.53 92.04 15.67
N TYR B 35 66.18 92.40 16.78
CA TYR B 35 65.52 93.20 17.80
C TYR B 35 65.15 94.58 17.26
N GLU B 36 66.06 95.21 16.53
CA GLU B 36 65.78 96.55 16.03
C GLU B 36 64.68 96.54 14.97
N LEU B 37 64.69 95.53 14.10
CA LEU B 37 63.62 95.43 13.10
C LEU B 37 62.29 95.10 13.75
N SER B 38 62.30 94.26 14.79
CA SER B 38 61.05 93.84 15.42
C SER B 38 60.34 95.01 16.08
N VAL B 39 61.10 95.93 16.68
CA VAL B 39 60.50 97.02 17.43
C VAL B 39 60.27 98.25 16.56
N LEU B 40 61.23 98.59 15.69
CA LEU B 40 61.10 99.81 14.89
C LEU B 40 59.93 99.73 13.93
N CYS B 41 59.69 98.56 13.34
CA CYS B 41 58.67 98.39 12.32
C CYS B 41 57.47 97.58 12.80
N ASP B 42 57.42 97.22 14.08
CA ASP B 42 56.32 96.47 14.66
C ASP B 42 56.04 95.19 13.86
N CYS B 43 57.05 94.34 13.80
CA CYS B 43 56.97 93.09 13.06
C CYS B 43 57.43 91.94 13.95
N GLU B 44 56.86 90.76 13.71
CA GLU B 44 57.17 89.57 14.50
C GLU B 44 58.14 88.68 13.74
N ILE B 45 59.21 88.26 14.41
CA ILE B 45 60.35 87.62 13.78
C ILE B 45 60.75 86.39 14.58
N ALA B 46 61.04 85.30 13.87
CA ALA B 46 61.55 84.07 14.46
C ALA B 46 62.86 83.70 13.80
N LEU B 47 63.83 83.24 14.61
CA LEU B 47 65.17 82.91 14.13
C LEU B 47 65.60 81.60 14.78
N ILE B 48 65.95 80.62 13.95
CA ILE B 48 66.35 79.30 14.41
C ILE B 48 67.73 79.00 13.84
N ILE B 49 68.69 78.67 14.71
CA ILE B 49 70.08 78.50 14.32
C ILE B 49 70.59 77.20 14.93
N PHE B 50 71.12 76.33 14.08
CA PHE B 50 71.84 75.13 14.51
C PHE B 50 73.32 75.30 14.15
N ASN B 51 74.18 75.21 15.15
CA ASN B 51 75.61 75.43 14.96
C ASN B 51 76.25 74.21 14.31
N SER B 52 77.59 74.23 14.20
CA SER B 52 78.31 73.06 13.72
C SER B 52 78.35 71.95 14.76
N SER B 53 78.11 72.28 16.03
CA SER B 53 78.09 71.29 17.10
C SER B 53 76.70 70.72 17.34
N ASN B 54 75.75 71.01 16.44
CA ASN B 54 74.39 70.44 16.50
C ASN B 54 73.68 70.78 17.81
N LYS B 55 73.77 72.04 18.22
CA LYS B 55 72.98 72.54 19.34
C LYS B 55 72.09 73.67 18.86
N LEU B 56 70.89 73.75 19.44
CA LEU B 56 69.87 74.69 19.01
C LEU B 56 70.08 76.05 19.67
N PHE B 57 70.02 77.11 18.85
CA PHE B 57 70.00 78.49 19.34
C PHE B 57 68.91 79.22 18.58
N GLN B 58 67.85 79.61 19.28
CA GLN B 58 66.67 80.19 18.64
C GLN B 58 66.35 81.54 19.27
N TYR B 59 65.65 82.37 18.49
CA TYR B 59 65.20 83.68 18.94
C TYR B 59 63.78 83.94 18.46
N ALA B 60 62.98 84.56 19.32
CA ALA B 60 61.61 84.92 19.00
C ALA B 60 61.36 86.36 19.43
N SER B 61 60.55 87.06 18.64
CA SER B 61 60.22 88.45 18.94
C SER B 61 59.06 88.53 19.93
N MET B 64 57.72 82.52 20.30
CA MET B 64 58.14 81.44 19.42
C MET B 64 56.94 80.62 18.96
N ASP B 65 56.12 80.18 19.93
CA ASP B 65 54.94 79.41 19.59
C ASP B 65 53.96 80.21 18.74
N LYS B 66 53.88 81.52 18.98
CA LYS B 66 52.93 82.34 18.22
C LYS B 66 53.39 82.52 16.77
N VAL B 67 54.69 82.73 16.56
CA VAL B 67 55.19 82.96 15.22
C VAL B 67 55.17 81.67 14.41
N LEU B 68 55.63 80.56 15.01
CA LEU B 68 55.60 79.28 14.32
C LEU B 68 54.17 78.88 13.97
N LEU B 69 53.23 79.08 14.90
CA LEU B 69 51.84 78.74 14.63
C LEU B 69 51.25 79.63 13.54
N LYS B 70 51.71 80.87 13.45
CA LYS B 70 51.32 81.71 12.31
C LYS B 70 51.86 81.16 11.01
N TYR B 71 53.11 80.68 11.02
CA TYR B 71 53.72 80.13 9.81
C TYR B 71 52.99 78.88 9.33
N THR B 72 52.42 78.10 10.26
CA THR B 72 51.65 76.93 9.86
C THR B 72 50.32 77.30 9.22
N GLU B 73 49.89 78.56 9.36
CA GLU B 73 48.58 79.00 8.90
C GLU B 73 48.72 80.08 7.82
N TYR B 74 49.68 79.90 6.91
CA TYR B 74 49.91 80.84 5.82
C TYR B 74 50.35 80.04 4.60
N ASN B 75 49.50 79.98 3.58
CA ASN B 75 49.71 79.17 2.39
C ASN B 75 49.56 80.04 1.14
N GLU B 76 50.28 81.16 1.11
CA GLU B 76 50.24 82.11 0.02
C GLU B 76 51.61 82.25 -0.62
N PRO B 77 51.68 82.71 -1.87
CA PRO B 77 52.99 83.04 -2.45
C PRO B 77 53.67 84.14 -1.66
N HIS B 78 54.98 84.01 -1.49
CA HIS B 78 55.73 84.88 -0.59
C HIS B 78 57.19 84.87 -0.99
N GLU B 79 57.93 85.86 -0.48
CA GLU B 79 59.36 85.97 -0.76
C GLU B 79 60.12 85.02 0.16
N SER B 80 60.90 84.12 -0.43
CA SER B 80 61.75 83.20 0.29
C SER B 80 63.15 83.27 -0.29
N ARG B 81 64.16 83.38 0.57
CA ARG B 81 65.54 83.54 0.14
C ARG B 81 66.40 82.41 0.71
N THR B 82 67.50 82.12 0.01
CA THR B 82 68.43 81.08 0.39
C THR B 82 69.84 81.62 0.24
N ASN B 83 70.84 80.80 0.61
CA ASN B 83 72.22 81.23 0.50
C ASN B 83 72.60 81.54 -0.95
N SER B 84 72.20 80.67 -1.89
CA SER B 84 72.47 80.94 -3.29
C SER B 84 71.73 82.18 -3.77
N ASP B 85 70.57 82.48 -3.19
CA ASP B 85 69.84 83.70 -3.55
C ASP B 85 70.55 84.93 -2.99
N ILE B 86 71.23 84.81 -1.86
CA ILE B 86 72.01 85.93 -1.33
C ILE B 86 73.21 86.22 -2.22
N VAL B 87 73.84 85.16 -2.74
CA VAL B 87 74.95 85.34 -3.68
C VAL B 87 74.46 86.01 -4.95
N GLU B 88 73.31 85.57 -5.45
CA GLU B 88 72.70 86.18 -6.63
C GLU B 88 72.11 87.55 -6.29
N GLN C 9 66.43 106.43 18.16
CA GLN C 9 66.03 105.53 19.24
C GLN C 9 65.21 104.36 18.70
N ILE C 10 65.17 103.27 19.45
CA ILE C 10 64.43 102.06 19.05
C ILE C 10 63.00 102.24 19.53
N THR C 11 62.19 102.86 18.68
CA THR C 11 60.77 103.07 18.95
C THR C 11 60.01 102.88 17.66
N ARG C 12 58.74 102.50 17.78
CA ARG C 12 57.90 102.26 16.61
C ARG C 12 57.83 103.50 15.74
N ILE C 13 58.14 103.34 14.46
CA ILE C 13 58.03 104.43 13.50
C ILE C 13 56.54 104.64 13.20
N MET C 14 55.98 105.75 13.66
CA MET C 14 54.56 105.99 13.46
C MET C 14 54.24 106.28 12.00
N ASP C 15 55.22 106.77 11.24
CA ASP C 15 55.01 107.01 9.82
C ASP C 15 54.96 105.68 9.07
N GLU C 16 54.30 105.70 7.91
CA GLU C 16 54.13 104.48 7.12
C GLU C 16 55.30 104.25 6.16
N ARG C 17 55.71 105.29 5.43
CA ARG C 17 56.73 105.11 4.41
C ARG C 17 58.11 104.95 5.04
N ASN C 18 58.41 105.70 6.09
CA ASN C 18 59.69 105.51 6.77
C ASN C 18 59.76 104.12 7.39
N ARG C 19 58.67 103.67 8.02
CA ARG C 19 58.64 102.30 8.54
C ARG C 19 58.72 101.28 7.41
N GLN C 20 58.27 101.63 6.21
CA GLN C 20 58.30 100.69 5.10
C GLN C 20 59.72 100.53 4.55
N VAL C 21 60.39 101.65 4.24
CA VAL C 21 61.72 101.59 3.65
C VAL C 21 62.74 101.13 4.68
N THR C 22 62.60 101.57 5.93
CA THR C 22 63.47 101.07 6.98
C THR C 22 63.28 99.56 7.17
N PHE C 23 62.05 99.09 7.02
CA PHE C 23 61.79 97.65 7.10
C PHE C 23 62.55 96.90 6.02
N THR C 24 62.55 97.43 4.79
CA THR C 24 63.18 96.73 3.68
C THR C 24 64.70 96.71 3.82
N LYS C 25 65.29 97.84 4.20
CA LYS C 25 66.75 97.92 4.28
C LYS C 25 67.28 97.10 5.45
N ARG C 26 66.66 97.22 6.62
CA ARG C 26 67.11 96.44 7.77
C ARG C 26 66.81 94.95 7.57
N LYS C 27 65.82 94.63 6.74
CA LYS C 27 65.53 93.22 6.43
C LYS C 27 66.65 92.62 5.60
N PHE C 28 67.04 93.30 4.52
CA PHE C 28 68.09 92.77 3.64
C PHE C 28 69.42 92.69 4.36
N GLY C 29 69.74 93.69 5.19
CA GLY C 29 70.95 93.62 5.98
C GLY C 29 70.91 92.53 7.04
N LEU C 30 69.73 92.26 7.60
CA LEU C 30 69.58 91.15 8.53
C LEU C 30 69.85 89.82 7.85
N MET C 31 69.42 89.67 6.59
CA MET C 31 69.70 88.45 5.84
C MET C 31 71.18 88.36 5.44
N LYS C 32 71.88 89.50 5.37
CA LYS C 32 73.29 89.47 5.03
C LYS C 32 74.14 89.02 6.22
N LYS C 33 73.85 89.54 7.42
CA LYS C 33 74.57 89.09 8.61
C LYS C 33 74.31 87.61 8.86
N ALA C 34 73.10 87.14 8.57
CA ALA C 34 72.81 85.72 8.66
C ALA C 34 73.54 84.93 7.59
N TYR C 35 73.71 85.51 6.40
CA TYR C 35 74.49 84.84 5.36
C TYR C 35 75.94 84.71 5.77
N GLU C 36 76.51 85.73 6.40
CA GLU C 36 77.90 85.66 6.83
C GLU C 36 78.08 84.61 7.91
N LEU C 37 77.21 84.61 8.92
CA LEU C 37 77.31 83.62 9.99
C LEU C 37 77.05 82.21 9.48
N SER C 38 76.15 82.04 8.51
CA SER C 38 75.85 80.71 8.01
C SER C 38 77.05 80.11 7.27
N VAL C 39 77.77 80.92 6.50
CA VAL C 39 78.87 80.42 5.70
C VAL C 39 80.18 80.41 6.48
N LEU C 40 80.47 81.47 7.23
CA LEU C 40 81.76 81.57 7.90
C LEU C 40 81.94 80.47 8.95
N CYS C 41 80.90 80.20 9.73
CA CYS C 41 80.99 79.26 10.85
C CYS C 41 80.29 77.95 10.59
N ASP C 42 79.75 77.74 9.38
CA ASP C 42 79.09 76.49 8.99
C ASP C 42 77.98 76.13 9.97
N CYS C 43 76.97 76.99 10.01
CA CYS C 43 75.80 76.78 10.84
C CYS C 43 74.54 76.98 10.01
N GLU C 44 73.47 76.27 10.39
CA GLU C 44 72.21 76.32 9.68
C GLU C 44 71.27 77.29 10.38
N ILE C 45 70.73 78.24 9.61
CA ILE C 45 69.99 79.38 10.15
C ILE C 45 68.67 79.49 9.42
N ALA C 46 67.58 79.57 10.18
CA ALA C 46 66.23 79.77 9.64
C ALA C 46 65.64 81.04 10.24
N LEU C 47 65.11 81.90 9.37
CA LEU C 47 64.58 83.20 9.78
C LEU C 47 63.18 83.38 9.19
N ILE C 48 62.21 83.67 10.06
CA ILE C 48 60.83 83.91 9.66
C ILE C 48 60.43 85.30 10.13
N ILE C 49 59.89 86.10 9.22
CA ILE C 49 59.55 87.50 9.51
C ILE C 49 58.15 87.80 9.00
N PHE C 50 57.27 88.22 9.89
CA PHE C 50 55.95 88.75 9.54
C PHE C 50 55.95 90.24 9.83
N ASN C 51 55.64 91.04 8.80
CA ASN C 51 55.64 92.49 8.95
C ASN C 51 54.43 92.93 9.75
N SER C 52 54.22 94.25 9.85
CA SER C 52 53.02 94.77 10.48
C SER C 52 51.78 94.56 9.63
N SER C 53 51.96 94.33 8.32
CA SER C 53 50.85 94.05 7.41
C SER C 53 50.54 92.57 7.29
N ASN C 54 51.16 91.73 8.12
CA ASN C 54 50.89 90.29 8.16
C ASN C 54 51.17 89.63 6.80
N LYS C 55 52.35 89.91 6.26
CA LYS C 55 52.84 89.27 5.05
C LYS C 55 54.14 88.54 5.38
N LEU C 56 54.31 87.36 4.79
CA LEU C 56 55.42 86.48 5.16
C LEU C 56 56.68 86.81 4.37
N PHE C 57 57.80 86.91 5.07
CA PHE C 57 59.13 87.00 4.46
C PHE C 57 60.07 86.10 5.25
N GLN C 58 60.67 85.13 4.58
CA GLN C 58 61.47 84.12 5.25
C GLN C 58 62.83 83.98 4.57
N TYR C 59 63.78 83.41 5.31
CA TYR C 59 65.10 83.09 4.80
C TYR C 59 65.58 81.80 5.43
N ALA C 60 66.27 80.98 4.63
CA ALA C 60 66.83 79.72 5.08
C ALA C 60 68.28 79.64 4.63
N SER C 61 69.13 79.04 5.47
CA SER C 61 70.54 78.88 5.11
C SER C 61 70.71 77.82 4.03
N THR C 62 70.38 76.57 4.36
CA THR C 62 70.52 75.46 3.43
C THR C 62 69.17 75.02 2.86
N ASP C 63 68.23 74.64 3.72
CA ASP C 63 66.90 74.22 3.28
C ASP C 63 65.91 74.56 4.38
N MET C 64 64.87 75.31 4.03
CA MET C 64 63.88 75.73 5.02
C MET C 64 63.18 74.54 5.64
N ASP C 65 62.68 73.62 4.81
CA ASP C 65 61.91 72.51 5.33
C ASP C 65 62.77 71.54 6.14
N LYS C 66 64.05 71.39 5.77
CA LYS C 66 64.91 70.47 6.52
C LYS C 66 65.30 71.06 7.86
N VAL C 67 65.55 72.37 7.92
CA VAL C 67 65.93 73.00 9.18
C VAL C 67 64.74 73.01 10.13
N LEU C 68 63.56 73.43 9.64
CA LEU C 68 62.36 73.42 10.47
C LEU C 68 62.04 72.02 10.97
N LEU C 69 62.18 71.02 10.09
CA LEU C 69 61.90 69.64 10.49
C LEU C 69 62.89 69.15 11.53
N LYS C 70 64.15 69.59 11.43
CA LYS C 70 65.11 69.32 12.49
C LYS C 70 64.66 69.93 13.82
N TYR C 71 64.24 71.20 13.78
CA TYR C 71 63.85 71.91 15.00
C TYR C 71 62.69 71.23 15.69
N THR C 72 61.80 70.59 14.93
CA THR C 72 60.67 69.89 15.53
C THR C 72 61.10 68.61 16.24
N GLU C 73 62.35 68.17 16.05
CA GLU C 73 62.84 66.89 16.55
C GLU C 73 64.01 67.09 17.50
N TYR C 74 63.93 68.10 18.36
CA TYR C 74 65.01 68.41 19.31
C TYR C 74 64.38 68.97 20.57
N ASN C 75 64.43 68.20 21.65
CA ASN C 75 63.80 68.60 22.91
C ASN C 75 64.84 68.54 24.04
N GLU C 76 65.92 69.28 23.87
CA GLU C 76 66.95 69.44 24.87
C GLU C 76 66.98 70.88 25.37
N PRO C 77 67.51 71.12 26.57
CA PRO C 77 67.71 72.50 27.01
C PRO C 77 68.68 73.24 26.09
N HIS C 78 68.35 74.49 25.78
CA HIS C 78 69.07 75.26 24.78
C HIS C 78 68.83 76.74 25.04
N GLU C 79 69.61 77.57 24.36
CA GLU C 79 69.49 79.01 24.52
C GLU C 79 68.39 79.54 23.60
N SER C 80 67.41 80.21 24.19
CA SER C 80 66.36 80.90 23.47
C SER C 80 66.23 82.31 24.03
N ARG C 81 66.15 83.29 23.14
CA ARG C 81 66.15 84.69 23.53
C ARG C 81 64.90 85.39 23.01
N THR C 82 64.60 86.55 23.61
CA THR C 82 63.44 87.35 23.27
C THR C 82 63.84 88.82 23.26
N ASN C 83 62.94 89.68 22.76
CA ASN C 83 63.20 91.11 22.74
C ASN C 83 63.42 91.64 24.16
N SER C 84 62.62 91.19 25.12
CA SER C 84 62.80 91.61 26.50
C SER C 84 64.13 91.12 27.07
N ASP C 85 64.62 89.97 26.60
CA ASP C 85 65.91 89.49 27.05
C ASP C 85 67.05 90.30 26.46
N ILE C 86 66.87 90.84 25.25
CA ILE C 86 67.87 91.73 24.67
C ILE C 86 67.91 93.04 25.44
N VAL C 87 66.75 93.55 25.85
CA VAL C 87 66.71 94.77 26.66
C VAL C 87 67.33 94.52 28.02
N GLU C 88 67.01 93.39 28.64
CA GLU C 88 67.60 93.05 29.94
C GLU C 88 69.08 92.69 29.84
N ALA C 89 69.64 92.65 28.62
CA ALA C 89 71.06 92.39 28.40
C ALA C 89 71.81 93.64 27.94
N LEU C 90 71.24 94.43 27.03
CA LEU C 90 71.92 95.61 26.53
C LEU C 90 71.85 96.79 27.50
N ASN C 91 70.86 96.80 28.39
CA ASN C 91 70.78 97.83 29.42
C ASN C 91 71.66 97.54 30.61
N LYS C 92 72.63 96.64 30.45
CA LYS C 92 73.70 96.46 31.42
C LYS C 92 74.99 97.14 30.97
N LYS C 93 74.87 98.15 30.12
CA LYS C 93 75.98 99.03 29.79
C LYS C 93 75.81 100.35 30.55
N PRO F 5 22.42 33.84 25.06
CA PRO F 5 21.91 34.98 24.29
C PRO F 5 20.41 34.92 24.06
N ALA F 6 19.71 34.12 24.86
CA ALA F 6 18.29 33.90 24.69
C ALA F 6 17.49 34.87 25.55
N LEU F 7 16.54 35.55 24.93
CA LEU F 7 15.64 36.44 25.67
C LEU F 7 14.51 35.64 26.32
N ARG F 8 13.67 35.04 25.50
CA ARG F 8 12.63 34.12 25.97
C ARG F 8 12.68 32.82 25.16
N GLU F 9 13.77 32.61 24.42
CA GLU F 9 13.88 31.47 23.50
C GLU F 9 13.91 30.15 24.24
N GLN F 10 14.64 30.08 25.36
CA GLN F 10 14.77 28.83 26.09
C GLN F 10 13.45 28.33 26.66
N GLN F 11 12.40 29.14 26.64
CA GLN F 11 11.08 28.73 27.07
C GLN F 11 10.13 28.50 25.91
N LEU F 12 10.12 29.41 24.93
CA LEU F 12 9.25 29.27 23.77
C LEU F 12 9.70 28.11 22.88
N GLN F 13 11.02 27.94 22.72
CA GLN F 13 11.52 26.84 21.90
C GLN F 13 11.28 25.49 22.58
N GLN F 14 11.40 25.43 23.90
CA GLN F 14 11.05 24.23 24.65
C GLN F 14 9.55 24.04 24.78
N GLU F 15 8.75 24.98 24.28
CA GLU F 15 7.30 24.83 24.22
C GLU F 15 6.83 24.31 22.87
N LEU F 16 7.60 24.53 21.80
CA LEU F 16 7.17 24.13 20.47
C LEU F 16 7.08 22.61 20.35
N LEU F 17 8.16 21.91 20.72
CA LEU F 17 8.15 20.44 20.62
C LEU F 17 7.09 19.83 21.53
N ALA F 18 6.77 20.50 22.65
CA ALA F 18 5.67 20.04 23.48
C ALA F 18 4.32 20.26 22.82
N LEU F 19 4.24 21.16 21.84
CA LEU F 19 2.99 21.39 21.13
C LEU F 19 2.78 20.36 20.02
N LYS F 20 3.81 20.11 19.20
CA LYS F 20 3.69 19.14 18.13
C LYS F 20 3.66 17.70 18.65
N GLN F 21 3.92 17.48 19.93
CA GLN F 21 3.62 16.19 20.54
C GLN F 21 2.10 15.99 20.65
N LYS F 22 1.39 17.03 21.10
CA LYS F 22 -0.06 16.96 21.18
C LYS F 22 -0.68 16.87 19.79
N GLN F 23 -0.13 17.59 18.82
CA GLN F 23 -0.62 17.51 17.45
C GLN F 23 -0.52 16.09 16.91
N GLN F 24 0.61 15.43 17.15
CA GLN F 24 0.86 14.13 16.54
C GLN F 24 -0.02 13.04 17.15
N ILE F 25 -0.26 13.11 18.46
CA ILE F 25 -1.16 12.13 19.06
C ILE F 25 -2.63 12.48 18.81
N GLN F 26 -2.93 13.74 18.50
CA GLN F 26 -4.25 14.06 17.98
C GLN F 26 -4.48 13.38 16.64
N ARG F 27 -3.42 13.29 15.82
CA ARG F 27 -3.52 12.56 14.56
C ARG F 27 -3.72 11.07 14.79
N GLN F 28 -3.01 10.51 15.78
CA GLN F 28 -3.20 9.10 16.11
C GLN F 28 -4.59 8.83 16.66
N ILE F 29 -5.17 9.80 17.37
CA ILE F 29 -6.55 9.66 17.85
C ILE F 29 -7.50 9.56 16.66
N LEU F 30 -7.29 10.41 15.66
CA LEU F 30 -8.14 10.38 14.48
C LEU F 30 -7.97 9.08 13.71
N ILE F 31 -6.72 8.67 13.48
CA ILE F 31 -6.46 7.49 12.66
C ILE F 31 -6.91 6.23 13.39
N ALA F 32 -7.00 6.26 14.73
CA ALA F 32 -7.45 5.08 15.46
C ALA F 32 -8.96 5.02 15.53
N GLU F 33 -9.62 6.17 15.67
CA GLU F 33 -11.07 6.21 15.53
C GLU F 33 -11.50 5.83 14.13
N PHE F 34 -10.65 6.10 13.13
CA PHE F 34 -10.98 5.73 11.76
C PHE F 34 -10.88 4.22 11.56
N GLN F 35 -9.92 3.59 12.22
CA GLN F 35 -9.78 2.14 12.07
C GLN F 35 -10.92 1.40 12.75
N ARG F 36 -11.42 1.92 13.88
CA ARG F 36 -12.46 1.22 14.62
C ARG F 36 -13.84 1.44 14.00
N GLN F 37 -14.08 2.61 13.40
CA GLN F 37 -15.31 2.81 12.65
C GLN F 37 -15.31 2.05 11.33
N HIS F 38 -14.13 1.75 10.79
CA HIS F 38 -14.06 0.87 9.61
C HIS F 38 -14.36 -0.57 10.00
N GLU F 39 -13.83 -1.03 11.12
CA GLU F 39 -14.05 -2.41 11.54
C GLU F 39 -15.46 -2.60 12.09
N GLN F 40 -16.00 -1.59 12.77
CA GLN F 40 -17.36 -1.67 13.26
C GLN F 40 -18.36 -1.68 12.11
N LEU F 41 -18.02 -1.04 10.99
CA LEU F 41 -18.88 -1.12 9.80
C LEU F 41 -18.77 -2.48 9.13
N SER F 42 -17.56 -3.06 9.11
CA SER F 42 -17.37 -4.35 8.47
C SER F 42 -18.09 -5.46 9.25
N ARG F 43 -18.05 -5.40 10.58
CA ARG F 43 -18.83 -6.33 11.38
C ARG F 43 -20.32 -6.12 11.16
N GLN F 44 -20.74 -4.88 10.93
CA GLN F 44 -22.14 -4.59 10.64
C GLN F 44 -22.57 -5.13 9.29
N HIS F 45 -21.73 -4.96 8.26
CA HIS F 45 -22.03 -5.51 6.94
C HIS F 45 -22.02 -7.03 6.97
N GLU F 46 -21.11 -7.63 7.74
CA GLU F 46 -20.96 -9.08 7.75
C GLU F 46 -22.21 -9.75 8.32
N ALA F 47 -22.81 -9.15 9.35
CA ALA F 47 -24.03 -9.71 9.93
C ALA F 47 -25.22 -9.55 8.99
N GLN F 48 -25.28 -8.44 8.24
CA GLN F 48 -26.38 -8.26 7.30
C GLN F 48 -26.26 -9.24 6.14
N LEU F 49 -25.04 -9.46 5.65
CA LEU F 49 -24.84 -10.44 4.58
C LEU F 49 -25.14 -11.86 5.06
N HIS F 50 -24.76 -12.17 6.31
CA HIS F 50 -25.04 -13.49 6.86
C HIS F 50 -26.53 -13.71 7.08
N GLU F 51 -27.27 -12.66 7.43
CA GLU F 51 -28.70 -12.80 7.63
C GLU F 51 -29.43 -13.07 6.31
N HIS F 52 -29.01 -12.40 5.24
CA HIS F 52 -29.63 -12.60 3.94
C HIS F 52 -29.26 -13.93 3.31
N ILE F 53 -28.04 -14.42 3.58
CA ILE F 53 -27.64 -15.72 3.08
C ILE F 53 -28.35 -16.83 3.85
N LYS F 54 -28.59 -16.61 5.14
CA LYS F 54 -29.43 -17.54 5.90
C LYS F 54 -30.84 -17.58 5.32
N GLN F 55 -31.32 -16.43 4.82
CA GLN F 55 -32.63 -16.40 4.17
C GLN F 55 -32.62 -17.20 2.88
N GLN F 56 -31.60 -17.01 2.05
CA GLN F 56 -31.54 -17.69 0.76
C GLN F 56 -31.36 -19.20 0.94
N GLN F 57 -30.61 -19.60 1.97
CA GLN F 57 -30.36 -21.02 2.19
C GLN F 57 -31.61 -21.74 2.69
N GLU F 58 -32.33 -21.14 3.65
CA GLU F 58 -33.51 -21.79 4.20
C GLU F 58 -34.67 -21.82 3.21
N MET F 59 -34.54 -21.15 2.06
CA MET F 59 -35.49 -21.29 0.97
C MET F 59 -35.10 -22.44 0.04
N LEU F 60 -33.82 -22.57 -0.26
CA LEU F 60 -33.36 -23.64 -1.15
C LEU F 60 -33.51 -25.01 -0.50
N ALA F 61 -33.23 -25.09 0.81
CA ALA F 61 -33.28 -26.38 1.49
C ALA F 61 -34.68 -26.96 1.50
N MET F 62 -35.69 -26.12 1.73
CA MET F 62 -37.07 -26.61 1.76
C MET F 62 -37.61 -26.87 0.37
N LYS F 63 -37.11 -26.16 -0.65
CA LYS F 63 -37.51 -26.46 -2.01
C LYS F 63 -36.94 -27.80 -2.48
N HIS F 64 -35.70 -28.09 -2.10
CA HIS F 64 -35.07 -29.33 -2.54
C HIS F 64 -35.55 -30.53 -1.74
N GLN F 65 -36.00 -30.34 -0.49
CA GLN F 65 -36.53 -31.46 0.28
C GLN F 65 -37.91 -31.86 -0.23
N GLN F 66 -38.75 -30.88 -0.58
CA GLN F 66 -40.08 -31.20 -1.10
C GLN F 66 -40.00 -31.79 -2.50
N GLU F 67 -38.95 -31.45 -3.25
CA GLU F 67 -38.72 -32.14 -4.52
C GLU F 67 -38.17 -33.55 -4.28
N LEU F 68 -37.43 -33.76 -3.19
CA LEU F 68 -36.94 -35.10 -2.87
C LEU F 68 -38.10 -36.03 -2.54
N LEU F 69 -39.02 -35.60 -1.67
CA LEU F 69 -40.18 -36.40 -1.36
C LEU F 69 -41.15 -36.50 -2.52
N GLU F 70 -41.04 -35.61 -3.51
CA GLU F 70 -41.78 -35.78 -4.76
C GLU F 70 -41.25 -36.99 -5.52
N HIS F 71 -39.93 -37.11 -5.64
CA HIS F 71 -39.33 -38.29 -6.23
C HIS F 71 -39.69 -39.54 -5.43
N GLN F 72 -39.72 -39.43 -4.10
CA GLN F 72 -40.06 -40.57 -3.26
C GLN F 72 -41.50 -41.03 -3.51
N ARG F 73 -42.43 -40.08 -3.56
CA ARG F 73 -43.82 -40.43 -3.84
C ARG F 73 -43.98 -41.00 -5.24
N LYS F 74 -43.14 -40.55 -6.19
CA LYS F 74 -43.20 -41.11 -7.54
C LYS F 74 -42.70 -42.54 -7.56
N LEU F 75 -41.75 -42.90 -6.68
CA LEU F 75 -41.34 -44.29 -6.58
C LEU F 75 -42.43 -45.14 -5.94
N GLU F 76 -43.14 -44.59 -4.95
CA GLU F 76 -44.24 -45.33 -4.35
C GLU F 76 -45.40 -45.47 -5.35
N ARG F 77 -45.68 -44.40 -6.11
CA ARG F 77 -46.70 -44.49 -7.14
C ARG F 77 -46.35 -45.53 -8.20
N HIS F 78 -45.05 -45.76 -8.44
CA HIS F 78 -44.65 -46.75 -9.41
C HIS F 78 -44.69 -48.15 -8.82
N ARG F 79 -44.06 -48.34 -7.65
CA ARG F 79 -44.01 -49.67 -7.06
C ARG F 79 -45.40 -50.15 -6.64
N GLN F 80 -46.24 -49.23 -6.14
CA GLN F 80 -47.59 -49.62 -5.77
C GLN F 80 -48.42 -49.96 -7.00
N GLU F 81 -48.19 -49.27 -8.12
CA GLU F 81 -48.89 -49.61 -9.35
C GLU F 81 -48.48 -50.98 -9.86
N GLN F 82 -47.18 -51.30 -9.79
CA GLN F 82 -46.69 -52.58 -10.27
C GLN F 82 -47.02 -53.72 -9.32
N GLU F 83 -46.99 -53.47 -8.01
CA GLU F 83 -47.39 -54.52 -7.07
C GLU F 83 -48.86 -54.85 -7.20
N LEU F 84 -49.71 -53.84 -7.35
CA LEU F 84 -51.14 -54.08 -7.53
C LEU F 84 -51.45 -54.70 -8.89
N GLU F 85 -50.59 -54.50 -9.88
CA GLU F 85 -50.81 -55.12 -11.18
C GLU F 85 -50.28 -56.56 -11.21
N LYS F 86 -49.16 -56.82 -10.54
CA LYS F 86 -48.60 -58.16 -10.47
C LYS F 86 -49.43 -59.09 -9.60
N GLN F 87 -50.32 -58.55 -8.76
CA GLN F 87 -51.33 -59.34 -8.08
C GLN F 87 -52.69 -59.24 -8.78
N HIS F 88 -52.86 -58.27 -9.69
CA HIS F 88 -54.08 -58.21 -10.51
C HIS F 88 -54.10 -59.34 -11.54
N ARG F 89 -52.94 -59.71 -12.06
CA ARG F 89 -52.88 -60.85 -12.99
C ARG F 89 -53.04 -62.17 -12.25
N GLU F 90 -52.68 -62.21 -10.97
CA GLU F 90 -52.85 -63.40 -10.16
C GLU F 90 -54.27 -63.56 -9.63
N GLN F 91 -55.06 -62.48 -9.60
CA GLN F 91 -56.48 -62.62 -9.33
C GLN F 91 -57.22 -63.25 -10.49
N LYS F 92 -56.68 -63.10 -11.72
CA LYS F 92 -57.29 -63.73 -12.88
C LYS F 92 -57.12 -65.25 -12.85
N LEU F 93 -56.22 -65.77 -12.03
CA LEU F 93 -56.08 -67.21 -11.89
C LEU F 93 -57.15 -67.83 -11.02
N GLN F 94 -57.85 -67.03 -10.22
CA GLN F 94 -58.91 -67.56 -9.37
C GLN F 94 -60.24 -67.68 -10.12
N GLN F 95 -60.51 -66.75 -11.03
CA GLN F 95 -61.72 -66.87 -11.85
C GLN F 95 -61.64 -68.05 -12.80
N LEU F 96 -60.44 -68.58 -13.04
CA LEU F 96 -60.28 -69.79 -13.84
C LEU F 96 -60.07 -71.04 -13.00
N LYS F 97 -59.52 -70.91 -11.80
CA LYS F 97 -59.12 -72.06 -11.00
C LYS F 97 -60.33 -72.84 -10.47
N ASN F 98 -60.92 -72.33 -9.38
CA ASN F 98 -61.90 -73.10 -8.61
C ASN F 98 -63.15 -73.43 -9.41
N LYS F 99 -64.05 -72.46 -9.59
CA LYS F 99 -65.33 -72.74 -10.18
C LYS F 99 -65.80 -71.59 -11.07
N GLU F 100 -66.44 -71.98 -12.18
CA GLU F 100 -67.38 -71.14 -12.90
C GLU F 100 -68.79 -71.67 -12.72
N LYS F 101 -69.05 -72.25 -11.54
CA LYS F 101 -70.26 -73.03 -11.25
C LYS F 101 -70.46 -74.15 -12.28
N GLY F 102 -69.36 -74.70 -12.77
CA GLY F 102 -69.41 -75.89 -13.62
C GLY F 102 -70.09 -75.69 -14.95
N LYS F 103 -70.01 -74.48 -15.52
CA LYS F 103 -70.60 -74.23 -16.83
C LYS F 103 -69.84 -75.01 -17.90
N GLU F 104 -68.66 -74.52 -18.26
CA GLU F 104 -67.78 -75.15 -19.25
C GLU F 104 -66.33 -74.93 -18.86
N SER F 105 -66.02 -75.07 -17.57
CA SER F 105 -64.73 -74.63 -17.05
C SER F 105 -63.59 -75.48 -17.57
N ALA F 106 -63.73 -76.81 -17.52
CA ALA F 106 -62.64 -77.74 -17.84
C ALA F 106 -62.67 -78.05 -19.32
N VAL F 107 -62.01 -77.20 -20.12
CA VAL F 107 -61.91 -77.41 -21.56
C VAL F 107 -60.48 -77.21 -22.03
N ALA F 108 -60.06 -75.96 -22.16
CA ALA F 108 -58.76 -75.64 -22.73
C ALA F 108 -58.12 -74.54 -21.90
N SER F 109 -57.00 -74.01 -22.40
CA SER F 109 -56.22 -73.01 -21.70
C SER F 109 -55.96 -71.83 -22.62
N THR F 110 -55.68 -70.68 -22.00
CA THR F 110 -55.37 -69.45 -22.72
C THR F 110 -54.34 -68.61 -21.96
N GLU F 111 -54.44 -68.54 -20.63
CA GLU F 111 -53.51 -67.76 -19.83
C GLU F 111 -52.73 -68.60 -18.83
N VAL F 112 -53.22 -69.79 -18.47
CA VAL F 112 -52.47 -70.70 -17.61
C VAL F 112 -51.25 -71.28 -18.32
N LYS F 113 -51.18 -71.15 -19.65
CA LYS F 113 -49.98 -71.57 -20.36
C LYS F 113 -48.77 -70.74 -19.96
N MET F 114 -48.99 -69.47 -19.62
CA MET F 114 -47.90 -68.64 -19.12
C MET F 114 -47.44 -69.13 -17.75
N LYS F 115 -48.38 -69.47 -16.87
CA LYS F 115 -48.03 -69.97 -15.55
C LYS F 115 -47.38 -71.34 -15.63
N LEU F 116 -47.85 -72.18 -16.56
CA LEU F 116 -47.24 -73.50 -16.74
C LEU F 116 -45.83 -73.38 -17.29
N GLN F 117 -45.61 -72.46 -18.24
CA GLN F 117 -44.28 -72.26 -18.77
C GLN F 117 -43.32 -71.73 -17.71
N GLU F 118 -43.81 -70.82 -16.86
CA GLU F 118 -42.95 -70.26 -15.81
C GLU F 118 -42.64 -71.29 -14.73
N PHE F 119 -43.57 -72.20 -14.45
CA PHE F 119 -43.33 -73.24 -13.45
C PHE F 119 -42.39 -74.31 -13.97
N VAL F 120 -42.42 -74.59 -15.27
CA VAL F 120 -41.56 -75.63 -15.83
C VAL F 120 -40.11 -75.15 -15.90
N LEU F 121 -39.90 -73.91 -16.36
CA LEU F 121 -38.55 -73.38 -16.47
C LEU F 121 -37.90 -73.12 -15.12
N ASN F 122 -38.64 -73.21 -14.02
CA ASN F 122 -38.07 -73.10 -12.69
C ASN F 122 -37.54 -74.43 -12.17
N LYS F 123 -37.53 -75.46 -13.01
CA LYS F 123 -36.90 -76.74 -12.66
C LYS F 123 -35.40 -76.58 -12.82
N LYS F 124 -34.72 -76.35 -11.71
CA LYS F 124 -33.28 -76.06 -11.73
C LYS F 124 -32.51 -76.98 -10.80
N LYS G 6 -54.94 -109.68 -35.78
CA LYS G 6 -53.90 -110.50 -35.15
C LYS G 6 -53.18 -109.73 -34.04
N LYS G 7 -52.35 -110.46 -33.29
CA LYS G 7 -51.51 -109.83 -32.28
C LYS G 7 -50.33 -109.15 -32.97
N ILE G 8 -50.35 -107.82 -33.00
CA ILE G 8 -49.30 -107.06 -33.66
C ILE G 8 -48.22 -106.72 -32.65
N GLN G 9 -47.04 -106.38 -33.15
CA GLN G 9 -45.92 -106.00 -32.30
C GLN G 9 -45.93 -104.50 -32.03
N ILE G 10 -45.19 -104.11 -31.00
CA ILE G 10 -45.13 -102.70 -30.58
C ILE G 10 -44.07 -102.04 -31.46
N THR G 11 -44.49 -101.63 -32.65
CA THR G 11 -43.59 -101.00 -33.60
C THR G 11 -44.37 -99.97 -34.41
N ARG G 12 -43.65 -98.99 -34.96
CA ARG G 12 -44.28 -97.95 -35.75
C ARG G 12 -45.02 -98.54 -36.94
N ILE G 13 -46.27 -98.12 -37.13
CA ILE G 13 -47.07 -98.58 -38.26
C ILE G 13 -46.52 -97.91 -39.51
N MET G 14 -45.94 -98.72 -40.41
CA MET G 14 -45.33 -98.15 -41.61
C MET G 14 -46.37 -97.55 -42.55
N ASP G 15 -47.59 -98.05 -42.52
CA ASP G 15 -48.65 -97.52 -43.36
C ASP G 15 -49.17 -96.20 -42.81
N GLU G 16 -49.73 -95.38 -43.71
CA GLU G 16 -50.29 -94.08 -43.33
C GLU G 16 -51.74 -94.19 -42.88
N ARG G 17 -52.58 -94.90 -43.66
CA ARG G 17 -54.00 -95.00 -43.33
C ARG G 17 -54.22 -95.87 -42.09
N ASN G 18 -53.50 -96.99 -42.00
CA ASN G 18 -53.64 -97.84 -40.82
C ASN G 18 -53.20 -97.10 -39.55
N ARG G 19 -52.08 -96.38 -39.64
CA ARG G 19 -51.64 -95.55 -38.51
C ARG G 19 -52.64 -94.44 -38.22
N GLN G 20 -53.40 -94.00 -39.23
CA GLN G 20 -54.34 -92.91 -39.03
C GLN G 20 -55.57 -93.37 -38.24
N VAL G 21 -56.22 -94.44 -38.71
CA VAL G 21 -57.45 -94.90 -38.07
C VAL G 21 -57.15 -95.61 -36.75
N THR G 22 -56.00 -96.29 -36.66
CA THR G 22 -55.59 -96.85 -35.36
C THR G 22 -55.33 -95.74 -34.35
N PHE G 23 -54.76 -94.62 -34.82
CA PHE G 23 -54.60 -93.47 -33.95
C PHE G 23 -55.93 -92.99 -33.41
N THR G 24 -56.94 -92.88 -34.28
CA THR G 24 -58.24 -92.38 -33.86
C THR G 24 -58.91 -93.34 -32.88
N LYS G 25 -58.90 -94.64 -33.19
CA LYS G 25 -59.66 -95.59 -32.37
C LYS G 25 -59.00 -95.81 -31.02
N ARG G 26 -57.67 -95.93 -30.97
CA ARG G 26 -56.99 -96.07 -29.70
C ARG G 26 -56.97 -94.76 -28.90
N LYS G 27 -57.10 -93.62 -29.59
CA LYS G 27 -57.25 -92.35 -28.88
C LYS G 27 -58.58 -92.30 -28.15
N PHE G 28 -59.67 -92.65 -28.85
CA PHE G 28 -60.99 -92.62 -28.24
C PHE G 28 -61.13 -93.66 -27.13
N GLY G 29 -60.49 -94.82 -27.31
CA GLY G 29 -60.49 -95.81 -26.25
C GLY G 29 -59.67 -95.39 -25.05
N LEU G 30 -58.59 -94.64 -25.28
CA LEU G 30 -57.78 -94.15 -24.17
C LEU G 30 -58.54 -93.10 -23.38
N MET G 31 -59.29 -92.22 -24.05
CA MET G 31 -60.17 -91.30 -23.34
C MET G 31 -61.21 -92.06 -22.53
N LYS G 32 -61.69 -93.19 -23.05
CA LYS G 32 -62.73 -93.94 -22.36
C LYS G 32 -62.20 -94.58 -21.08
N LYS G 33 -61.00 -95.17 -21.15
CA LYS G 33 -60.39 -95.72 -19.94
C LYS G 33 -60.11 -94.64 -18.91
N ALA G 34 -59.72 -93.44 -19.37
CA ALA G 34 -59.56 -92.32 -18.46
C ALA G 34 -60.90 -91.86 -17.92
N TYR G 35 -61.96 -91.98 -18.71
CA TYR G 35 -63.30 -91.65 -18.22
C TYR G 35 -63.74 -92.63 -17.15
N GLU G 36 -63.43 -93.91 -17.30
CA GLU G 36 -63.84 -94.88 -16.31
C GLU G 36 -63.06 -94.69 -15.00
N LEU G 37 -61.76 -94.41 -15.09
CA LEU G 37 -60.98 -94.18 -13.88
C LEU G 37 -61.38 -92.87 -13.20
N SER G 38 -61.72 -91.85 -13.99
CA SER G 38 -62.04 -90.55 -13.41
C SER G 38 -63.31 -90.62 -12.58
N VAL G 39 -64.31 -91.39 -13.03
CA VAL G 39 -65.60 -91.43 -12.36
C VAL G 39 -65.64 -92.51 -11.29
N LEU G 40 -65.09 -93.69 -11.57
CA LEU G 40 -65.18 -94.80 -10.62
C LEU G 40 -64.44 -94.49 -9.33
N CYS G 41 -63.28 -93.84 -9.42
CA CYS G 41 -62.44 -93.57 -8.26
C CYS G 41 -62.44 -92.11 -7.85
N ASP G 42 -63.22 -91.26 -8.50
CA ASP G 42 -63.30 -89.84 -8.20
C ASP G 42 -61.91 -89.20 -8.21
N CYS G 43 -61.28 -89.24 -9.37
CA CYS G 43 -59.95 -88.67 -9.56
C CYS G 43 -59.97 -87.76 -10.78
N GLU G 44 -59.10 -86.74 -10.75
CA GLU G 44 -59.02 -85.75 -11.82
C GLU G 44 -57.84 -86.07 -12.72
N ILE G 45 -58.10 -86.14 -14.03
CA ILE G 45 -57.13 -86.64 -15.01
C ILE G 45 -57.03 -85.66 -16.17
N ALA G 46 -55.80 -85.40 -16.62
CA ALA G 46 -55.53 -84.57 -17.77
C ALA G 46 -54.65 -85.33 -18.75
N LEU G 47 -54.97 -85.25 -20.03
CA LEU G 47 -54.27 -86.00 -21.07
C LEU G 47 -54.03 -85.09 -22.27
N ILE G 48 -52.77 -84.94 -22.65
CA ILE G 48 -52.37 -84.09 -23.78
C ILE G 48 -51.67 -84.95 -24.81
N ILE G 49 -52.11 -84.87 -26.06
CA ILE G 49 -51.62 -85.72 -27.13
C ILE G 49 -51.29 -84.85 -28.33
N PHE G 50 -50.05 -84.93 -28.80
CA PHE G 50 -49.63 -84.35 -30.07
C PHE G 50 -49.31 -85.47 -31.04
N ASN G 51 -49.99 -85.48 -32.18
CA ASN G 51 -49.85 -86.55 -33.17
C ASN G 51 -48.56 -86.35 -33.95
N SER G 52 -48.34 -87.20 -34.97
CA SER G 52 -47.19 -87.00 -35.85
C SER G 52 -47.39 -85.83 -36.79
N SER G 53 -48.63 -85.37 -36.98
CA SER G 53 -48.94 -84.23 -37.81
C SER G 53 -48.94 -82.92 -37.05
N ASN G 54 -48.50 -82.93 -35.79
CA ASN G 54 -48.35 -81.72 -34.98
C ASN G 54 -49.68 -80.98 -34.82
N LYS G 55 -50.72 -81.73 -34.47
CA LYS G 55 -52.00 -81.17 -34.07
C LYS G 55 -52.31 -81.59 -32.65
N LEU G 56 -52.93 -80.69 -31.90
CA LEU G 56 -53.17 -80.91 -30.48
C LEU G 56 -54.48 -81.68 -30.26
N PHE G 57 -54.43 -82.67 -29.38
CA PHE G 57 -55.62 -83.40 -28.93
C PHE G 57 -55.47 -83.58 -27.42
N GLN G 58 -56.33 -82.91 -26.66
CA GLN G 58 -56.23 -82.92 -25.21
C GLN G 58 -57.55 -83.38 -24.59
N TYR G 59 -57.47 -83.86 -23.35
CA TYR G 59 -58.65 -84.30 -22.62
C TYR G 59 -58.51 -83.90 -21.16
N ALA G 60 -59.62 -83.49 -20.56
CA ALA G 60 -59.67 -83.11 -19.16
C ALA G 60 -60.86 -83.76 -18.48
N SER G 61 -60.70 -84.08 -17.21
CA SER G 61 -61.77 -84.70 -16.44
C SER G 61 -62.70 -83.64 -15.85
N MET G 64 -59.49 -78.78 -17.31
CA MET G 64 -58.15 -78.63 -17.87
C MET G 64 -57.35 -77.59 -17.09
N ASP G 65 -57.93 -76.40 -16.96
CA ASP G 65 -57.25 -75.33 -16.22
C ASP G 65 -57.03 -75.72 -14.77
N LYS G 66 -57.99 -76.41 -14.16
CA LYS G 66 -57.84 -76.75 -12.75
C LYS G 66 -56.77 -77.79 -12.53
N VAL G 67 -56.70 -78.79 -13.41
CA VAL G 67 -55.72 -79.86 -13.23
C VAL G 67 -54.31 -79.35 -13.52
N LEU G 68 -54.14 -78.61 -14.62
CA LEU G 68 -52.84 -78.04 -14.93
C LEU G 68 -52.38 -77.11 -13.82
N LEU G 69 -53.27 -76.25 -13.32
CA LEU G 69 -52.90 -75.31 -12.26
C LEU G 69 -52.55 -76.02 -10.97
N LYS G 70 -53.21 -77.16 -10.69
CA LYS G 70 -52.80 -77.99 -9.56
C LYS G 70 -51.38 -78.50 -9.74
N TYR G 71 -51.06 -78.98 -10.95
CA TYR G 71 -49.73 -79.51 -11.21
C TYR G 71 -48.65 -78.44 -11.06
N THR G 72 -48.99 -77.18 -11.33
CA THR G 72 -48.04 -76.10 -11.15
C THR G 72 -47.81 -75.76 -9.67
N GLU G 73 -48.60 -76.33 -8.77
CA GLU G 73 -48.55 -76.00 -7.35
C GLU G 73 -48.28 -77.23 -6.50
N TYR G 74 -47.40 -78.11 -6.97
CA TYR G 74 -47.08 -79.34 -6.26
C TYR G 74 -45.63 -79.69 -6.57
N ASN G 75 -44.77 -79.59 -5.55
CA ASN G 75 -43.34 -79.83 -5.73
C ASN G 75 -42.85 -80.92 -4.78
N GLU G 76 -43.47 -82.09 -4.84
CA GLU G 76 -43.09 -83.24 -4.04
C GLU G 76 -42.65 -84.37 -4.95
N PRO G 77 -41.85 -85.31 -4.44
CA PRO G 77 -41.55 -86.51 -5.23
C PRO G 77 -42.81 -87.31 -5.52
N HIS G 78 -42.93 -87.79 -6.75
CA HIS G 78 -44.13 -88.46 -7.21
C HIS G 78 -43.77 -89.38 -8.36
N GLU G 79 -44.67 -90.31 -8.67
CA GLU G 79 -44.42 -91.29 -9.71
C GLU G 79 -44.61 -90.65 -11.09
N SER G 80 -43.54 -90.67 -11.89
CA SER G 80 -43.59 -90.27 -13.28
C SER G 80 -42.96 -91.38 -14.11
N ARG G 81 -43.63 -91.78 -15.19
CA ARG G 81 -43.19 -92.91 -16.00
C ARG G 81 -42.91 -92.46 -17.43
N THR G 82 -42.15 -93.29 -18.13
CA THR G 82 -41.74 -93.02 -19.50
C THR G 82 -41.88 -94.31 -20.31
N ASN G 83 -41.68 -94.20 -21.62
CA ASN G 83 -41.76 -95.37 -22.49
C ASN G 83 -40.72 -96.41 -22.12
N SER G 84 -39.49 -95.97 -21.85
CA SER G 84 -38.45 -96.91 -21.44
C SER G 84 -38.78 -97.55 -20.09
N ASP G 85 -39.50 -96.85 -19.22
CA ASP G 85 -39.92 -97.44 -17.96
C ASP G 85 -41.02 -98.47 -18.17
N ILE G 86 -41.85 -98.30 -19.20
CA ILE G 86 -42.85 -99.31 -19.52
C ILE G 86 -42.17 -100.57 -20.05
N VAL G 87 -41.11 -100.41 -20.86
CA VAL G 87 -40.36 -101.56 -21.34
C VAL G 87 -39.68 -102.27 -20.18
N GLU G 88 -39.09 -101.52 -19.25
CA GLU G 88 -38.45 -102.12 -18.08
C GLU G 88 -39.45 -102.65 -17.07
N ALA G 89 -40.75 -102.47 -17.31
CA ALA G 89 -41.77 -102.99 -16.40
C ALA G 89 -42.34 -104.31 -16.93
N GLY H 4 -65.67 -106.51 -14.79
CA GLY H 4 -64.81 -107.68 -14.93
C GLY H 4 -65.58 -108.98 -15.00
N ARG H 5 -65.64 -109.69 -13.86
CA ARG H 5 -66.53 -110.84 -13.77
C ARG H 5 -67.96 -110.44 -14.12
N LYS H 6 -68.50 -109.49 -13.36
CA LYS H 6 -69.75 -108.82 -13.70
C LYS H 6 -69.52 -107.32 -13.72
N LYS H 7 -70.18 -106.65 -14.67
CA LYS H 7 -69.97 -105.23 -14.88
C LYS H 7 -70.59 -104.43 -13.74
N ILE H 8 -69.77 -103.67 -13.04
CA ILE H 8 -70.26 -102.73 -12.03
C ILE H 8 -70.49 -101.39 -12.71
N GLN H 9 -71.45 -100.63 -12.17
CA GLN H 9 -71.88 -99.40 -12.82
C GLN H 9 -70.82 -98.31 -12.69
N ILE H 10 -71.02 -97.24 -13.47
CA ILE H 10 -70.08 -96.11 -13.48
C ILE H 10 -70.49 -95.21 -12.33
N THR H 11 -70.09 -95.61 -11.12
CA THR H 11 -70.47 -94.89 -9.91
C THR H 11 -69.28 -94.87 -8.96
N ARG H 12 -69.24 -93.84 -8.12
CA ARG H 12 -68.17 -93.72 -7.13
C ARG H 12 -68.13 -94.94 -6.23
N ILE H 13 -66.94 -95.54 -6.11
CA ILE H 13 -66.74 -96.66 -5.19
C ILE H 13 -66.64 -96.09 -3.77
N MET H 14 -67.67 -96.34 -2.97
CA MET H 14 -67.69 -95.79 -1.61
C MET H 14 -66.65 -96.46 -0.73
N ASP H 15 -66.26 -97.69 -1.03
CA ASP H 15 -65.23 -98.37 -0.25
C ASP H 15 -63.86 -97.77 -0.55
N GLU H 16 -62.95 -97.88 0.42
CA GLU H 16 -61.61 -97.32 0.27
C GLU H 16 -60.66 -98.29 -0.41
N ARG H 17 -60.67 -99.56 0.01
CA ARG H 17 -59.71 -100.52 -0.51
C ARG H 17 -60.03 -100.91 -1.95
N ASN H 18 -61.31 -101.12 -2.25
CA ASN H 18 -61.69 -101.42 -3.63
C ASN H 18 -61.36 -100.25 -4.55
N ARG H 19 -61.66 -99.03 -4.10
CA ARG H 19 -61.30 -97.86 -4.89
C ARG H 19 -59.79 -97.69 -4.98
N GLN H 20 -59.05 -98.20 -3.99
CA GLN H 20 -57.59 -98.08 -4.01
C GLN H 20 -56.98 -99.04 -5.03
N VAL H 21 -57.33 -100.33 -4.95
CA VAL H 21 -56.73 -101.32 -5.83
C VAL H 21 -57.23 -101.14 -7.27
N THR H 22 -58.51 -100.81 -7.43
CA THR H 22 -59.02 -100.51 -8.77
C THR H 22 -58.32 -99.28 -9.35
N PHE H 23 -58.01 -98.30 -8.51
CA PHE H 23 -57.27 -97.13 -8.97
C PHE H 23 -55.90 -97.53 -9.49
N THR H 24 -55.21 -98.42 -8.78
CA THR H 24 -53.86 -98.81 -9.17
C THR H 24 -53.85 -99.63 -10.45
N LYS H 25 -54.75 -100.60 -10.56
CA LYS H 25 -54.78 -101.47 -11.74
C LYS H 25 -55.17 -100.68 -12.99
N ARG H 26 -56.28 -99.95 -12.92
CA ARG H 26 -56.73 -99.17 -14.06
C ARG H 26 -55.77 -98.03 -14.40
N LYS H 27 -54.97 -97.57 -13.43
CA LYS H 27 -53.95 -96.56 -13.72
C LYS H 27 -52.83 -97.15 -14.57
N PHE H 28 -52.30 -98.30 -14.16
CA PHE H 28 -51.21 -98.92 -14.91
C PHE H 28 -51.67 -99.36 -16.30
N GLY H 29 -52.90 -99.88 -16.40
CA GLY H 29 -53.44 -100.23 -17.70
C GLY H 29 -53.65 -99.02 -18.58
N LEU H 30 -54.06 -97.89 -17.98
CA LEU H 30 -54.21 -96.66 -18.74
C LEU H 30 -52.87 -96.19 -19.28
N MET H 31 -51.79 -96.39 -18.53
CA MET H 31 -50.46 -96.02 -19.02
C MET H 31 -49.98 -96.97 -20.10
N LYS H 32 -50.47 -98.22 -20.10
CA LYS H 32 -50.07 -99.17 -21.13
C LYS H 32 -50.76 -98.88 -22.47
N LYS H 33 -52.06 -98.56 -22.42
CA LYS H 33 -52.76 -98.14 -23.64
C LYS H 33 -52.15 -96.87 -24.21
N ALA H 34 -51.67 -95.98 -23.34
CA ALA H 34 -50.97 -94.79 -23.81
C ALA H 34 -49.59 -95.14 -24.36
N TYR H 35 -48.95 -96.16 -23.79
CA TYR H 35 -47.67 -96.60 -24.34
C TYR H 35 -47.84 -97.21 -25.72
N GLU H 36 -48.94 -97.95 -25.94
CA GLU H 36 -49.19 -98.52 -27.25
C GLU H 36 -49.41 -97.43 -28.29
N LEU H 37 -50.25 -96.46 -27.98
CA LEU H 37 -50.55 -95.40 -28.93
C LEU H 37 -49.33 -94.50 -29.17
N SER H 38 -48.52 -94.28 -28.14
CA SER H 38 -47.36 -93.40 -28.29
C SER H 38 -46.34 -93.98 -29.26
N VAL H 39 -46.16 -95.29 -29.23
CA VAL H 39 -45.15 -95.94 -30.07
C VAL H 39 -45.72 -96.35 -31.42
N LEU H 40 -46.94 -96.89 -31.46
CA LEU H 40 -47.49 -97.40 -32.70
C LEU H 40 -47.70 -96.30 -33.73
N CYS H 41 -48.12 -95.11 -33.29
CA CYS H 41 -48.47 -94.03 -34.20
C CYS H 41 -47.49 -92.86 -34.15
N ASP H 42 -46.42 -92.96 -33.38
CA ASP H 42 -45.41 -91.90 -33.26
C ASP H 42 -46.05 -90.57 -32.85
N CYS H 43 -46.64 -90.58 -31.65
CA CYS H 43 -47.26 -89.39 -31.08
C CYS H 43 -46.75 -89.17 -29.68
N GLU H 44 -46.67 -87.91 -29.28
CA GLU H 44 -46.19 -87.53 -27.96
C GLU H 44 -47.37 -87.29 -27.03
N ILE H 45 -47.35 -87.96 -25.87
CA ILE H 45 -48.51 -88.04 -25.00
C ILE H 45 -48.09 -87.63 -23.59
N ALA H 46 -48.85 -86.72 -22.98
CA ALA H 46 -48.66 -86.31 -21.60
C ALA H 46 -49.94 -86.60 -20.82
N LEU H 47 -49.80 -87.25 -19.67
CA LEU H 47 -50.94 -87.65 -18.85
C LEU H 47 -50.70 -87.23 -17.40
N ILE H 48 -51.66 -86.50 -16.84
CA ILE H 48 -51.62 -86.03 -15.46
C ILE H 48 -52.81 -86.62 -14.72
N ILE H 49 -52.56 -87.20 -13.54
CA ILE H 49 -53.60 -87.88 -12.77
C ILE H 49 -53.48 -87.46 -11.31
N PHE H 50 -54.51 -86.80 -10.79
CA PHE H 50 -54.65 -86.54 -9.36
C PHE H 50 -55.74 -87.43 -8.80
N ASN H 51 -55.40 -88.22 -7.78
CA ASN H 51 -56.37 -89.14 -7.18
C ASN H 51 -57.36 -88.34 -6.33
N SER H 52 -58.23 -89.08 -5.62
CA SER H 52 -59.14 -88.43 -4.68
C SER H 52 -58.40 -87.88 -3.47
N SER H 53 -57.20 -88.38 -3.18
CA SER H 53 -56.39 -87.91 -2.07
C SER H 53 -55.47 -86.77 -2.47
N ASN H 54 -55.61 -86.24 -3.68
CA ASN H 54 -54.83 -85.09 -4.15
C ASN H 54 -53.33 -85.39 -4.12
N LYS H 55 -52.96 -86.56 -4.64
CA LYS H 55 -51.57 -86.94 -4.84
C LYS H 55 -51.30 -87.08 -6.33
N LEU H 56 -50.12 -86.66 -6.76
CA LEU H 56 -49.81 -86.55 -8.18
C LEU H 56 -49.24 -87.85 -8.73
N PHE H 57 -49.79 -88.29 -9.86
CA PHE H 57 -49.24 -89.40 -10.64
C PHE H 57 -49.31 -89.01 -12.11
N GLN H 58 -48.17 -89.02 -12.79
CA GLN H 58 -48.09 -88.51 -14.15
C GLN H 58 -47.38 -89.51 -15.06
N TYR H 59 -47.55 -89.30 -16.37
CA TYR H 59 -46.87 -90.08 -17.39
C TYR H 59 -46.52 -89.19 -18.56
N ALA H 60 -45.34 -89.42 -19.15
CA ALA H 60 -44.88 -88.72 -20.33
C ALA H 60 -44.36 -89.74 -21.34
N SER H 61 -44.62 -89.49 -22.61
CA SER H 61 -44.15 -90.40 -23.65
C SER H 61 -42.64 -90.30 -23.84
N THR H 62 -42.16 -89.10 -24.18
CA THR H 62 -40.74 -88.86 -24.40
C THR H 62 -40.13 -88.01 -23.29
N ASP H 63 -40.63 -86.79 -23.10
CA ASP H 63 -40.11 -85.90 -22.07
C ASP H 63 -41.25 -85.03 -21.56
N MET H 64 -41.45 -85.03 -20.23
CA MET H 64 -42.58 -84.30 -19.66
C MET H 64 -42.42 -82.80 -19.88
N ASP H 65 -41.25 -82.25 -19.56
CA ASP H 65 -41.06 -80.81 -19.67
C ASP H 65 -41.10 -80.35 -21.13
N LYS H 66 -40.62 -81.18 -22.05
CA LYS H 66 -40.61 -80.77 -23.46
C LYS H 66 -42.02 -80.80 -24.05
N VAL H 67 -42.83 -81.77 -23.65
CA VAL H 67 -44.20 -81.84 -24.16
C VAL H 67 -45.06 -80.72 -23.58
N LEU H 68 -44.98 -80.52 -22.26
CA LEU H 68 -45.75 -79.44 -21.64
C LEU H 68 -45.34 -78.09 -22.19
N LEU H 69 -44.03 -77.87 -22.40
CA LEU H 69 -43.57 -76.61 -22.95
C LEU H 69 -44.03 -76.42 -24.38
N LYS H 70 -44.14 -77.50 -25.15
CA LYS H 70 -44.77 -77.43 -26.46
C LYS H 70 -46.22 -76.99 -26.32
N TYR H 71 -46.95 -77.60 -25.37
CA TYR H 71 -48.37 -77.30 -25.20
C TYR H 71 -48.59 -75.85 -24.81
N THR H 72 -47.65 -75.24 -24.09
CA THR H 72 -47.75 -73.82 -23.76
C THR H 72 -47.55 -72.92 -24.98
N GLU H 73 -47.06 -73.47 -26.09
CA GLU H 73 -46.73 -72.70 -27.28
C GLU H 73 -47.57 -73.14 -28.47
N TYR H 74 -48.85 -73.43 -28.24
CA TYR H 74 -49.76 -73.86 -29.30
C TYR H 74 -51.09 -73.16 -29.08
N ASN H 75 -51.46 -72.27 -29.99
CA ASN H 75 -52.65 -71.45 -29.82
C ASN H 75 -53.57 -71.58 -31.03
N GLU H 76 -53.86 -72.81 -31.43
CA GLU H 76 -54.68 -73.11 -32.59
C GLU H 76 -55.93 -73.88 -32.17
N PRO H 77 -56.99 -73.82 -32.97
CA PRO H 77 -58.16 -74.66 -32.68
C PRO H 77 -57.81 -76.14 -32.77
N HIS H 78 -58.40 -76.93 -31.88
CA HIS H 78 -58.01 -78.32 -31.72
C HIS H 78 -59.12 -79.05 -30.98
N GLU H 79 -59.02 -80.38 -30.96
CA GLU H 79 -60.01 -81.19 -30.27
C GLU H 79 -59.66 -81.31 -28.79
N SER H 80 -60.57 -80.85 -27.94
CA SER H 80 -60.46 -81.02 -26.50
C SER H 80 -61.75 -81.63 -25.99
N ARG H 81 -61.63 -82.63 -25.13
CA ARG H 81 -62.78 -83.40 -24.67
C ARG H 81 -62.84 -83.41 -23.15
N THR H 82 -64.03 -83.75 -22.64
CA THR H 82 -64.30 -83.78 -21.22
C THR H 82 -65.12 -85.03 -20.90
N ASN H 83 -65.24 -85.34 -19.60
CA ASN H 83 -66.07 -86.47 -19.18
C ASN H 83 -67.51 -86.29 -19.64
N SER H 84 -68.06 -85.09 -19.50
CA SER H 84 -69.42 -84.84 -19.96
C SER H 84 -69.52 -84.97 -21.48
N ASP H 85 -68.43 -84.69 -22.20
CA ASP H 85 -68.45 -84.89 -23.64
C ASP H 85 -68.39 -86.37 -24.01
N ILE H 86 -67.76 -87.19 -23.17
CA ILE H 86 -67.76 -88.64 -23.41
C ILE H 86 -69.14 -89.22 -23.17
N VAL H 87 -69.84 -88.72 -22.15
CA VAL H 87 -71.21 -89.14 -21.90
C VAL H 87 -72.11 -88.71 -23.04
N GLU H 88 -71.95 -87.47 -23.51
CA GLU H 88 -72.75 -86.97 -24.63
C GLU H 88 -72.35 -87.59 -25.96
N ALA H 89 -71.33 -88.46 -25.99
CA ALA H 89 -70.88 -89.08 -27.23
C ALA H 89 -71.14 -90.58 -27.29
N LEU H 90 -71.06 -91.28 -26.14
CA LEU H 90 -71.18 -92.74 -26.17
C LEU H 90 -72.63 -93.20 -26.22
N ASN H 91 -73.56 -92.43 -25.64
CA ASN H 91 -74.97 -92.79 -25.65
C ASN H 91 -75.68 -92.22 -26.87
N LYS H 92 -75.23 -92.68 -28.04
CA LYS H 92 -75.79 -92.24 -29.32
C LYS H 92 -76.37 -93.38 -30.12
N LYS H 93 -76.56 -94.55 -29.52
CA LYS H 93 -77.22 -95.67 -30.17
C LYS H 93 -78.29 -96.25 -29.26
#